data_6SYM
#
_entry.id   6SYM
#
_cell.length_a   53.390
_cell.length_b   56.270
_cell.length_c   85.610
_cell.angle_alpha   90.000
_cell.angle_beta   90.000
_cell.angle_gamma   90.000
#
_symmetry.space_group_name_H-M   'P 21 21 21'
#
loop_
_entity.id
_entity.type
_entity.pdbx_description
1 polymer 'Peptide methionine sulfoxide reductase MsrB'
2 non-polymer 'ZINC ION'
3 water water
#
_entity_poly.entity_id   1
_entity_poly.type   'polypeptide(L)'
_entity_poly.pdbx_seq_one_letter_code
;MANKPSAEELKKNLSEMQFYVTQNHGTEPPFTGRLLHNKRDGVYHCLICDAPLFHSQTKYDSGCGWPSFYEPVSEESIRY
IKDLSHGMQRIEIRCGNCDAHLGHVFPDGPQPTGERY(CAF)VNSASLRFTDGENGEEING
;
_entity_poly.pdbx_strand_id   A,B
#
loop_
_chem_comp.id
_chem_comp.type
_chem_comp.name
_chem_comp.formula
ZN non-polymer 'ZINC ION' 'Zn 2'
#
# COMPACT_ATOMS: atom_id res chain seq x y z
N ASN A 3 15.68 -8.67 -4.24
CA ASN A 3 15.73 -7.61 -5.27
C ASN A 3 17.00 -7.78 -6.11
N LYS A 4 16.95 -7.30 -7.36
CA LYS A 4 18.11 -7.39 -8.24
C LYS A 4 19.00 -6.18 -8.01
N PRO A 5 18.46 -4.96 -8.01
CA PRO A 5 19.28 -3.79 -7.66
C PRO A 5 19.36 -3.63 -6.14
N SER A 6 20.25 -2.74 -5.73
CA SER A 6 20.37 -2.43 -4.31
C SER A 6 19.08 -1.78 -3.80
N ALA A 7 18.85 -1.90 -2.50
CA ALA A 7 17.69 -1.25 -1.89
C ALA A 7 17.75 0.27 -2.05
N GLU A 8 18.97 0.82 -2.17
CA GLU A 8 19.12 2.26 -2.35
C GLU A 8 18.71 2.67 -3.76
N GLU A 9 19.14 1.91 -4.77
CA GLU A 9 18.76 2.22 -6.15
C GLU A 9 17.25 2.09 -6.35
N LEU A 10 16.63 1.11 -5.68
CA LEU A 10 15.19 0.92 -5.82
C LEU A 10 14.41 2.10 -5.26
N LYS A 11 14.75 2.51 -4.04
CA LYS A 11 14.06 3.63 -3.42
C LYS A 11 14.15 4.90 -4.26
N LYS A 12 15.24 5.06 -5.03
CA LYS A 12 15.44 6.28 -5.80
C LYS A 12 14.85 6.19 -7.20
N ASN A 13 14.69 4.98 -7.74
CA ASN A 13 14.19 4.83 -9.09
C ASN A 13 12.72 4.44 -9.14
N LEU A 14 12.19 3.85 -8.09
CA LEU A 14 10.79 3.44 -8.09
C LEU A 14 9.90 4.58 -7.65
N SER A 15 8.71 4.67 -8.25
CA SER A 15 7.69 5.55 -7.76
C SER A 15 7.29 5.12 -6.35
N GLU A 16 6.58 6.00 -5.67
CA GLU A 16 6.10 5.65 -4.33
C GLU A 16 5.15 4.43 -4.39
N MET A 17 4.26 4.37 -5.36
CA MET A 17 3.40 3.23 -5.50
C MET A 17 4.16 1.94 -5.83
N GLN A 18 5.20 2.03 -6.65
CA GLN A 18 5.91 0.83 -7.07
C GLN A 18 6.71 0.25 -5.91
N PHE A 19 7.31 1.11 -5.11
CA PHE A 19 8.03 0.62 -3.91
C PHE A 19 7.05 0.02 -2.90
N TYR A 20 5.92 0.70 -2.68
CA TYR A 20 4.91 0.21 -1.76
C TYR A 20 4.43 -1.18 -2.12
N VAL A 21 4.13 -1.42 -3.38
CA VAL A 21 3.63 -2.72 -3.85
C VAL A 21 4.75 -3.77 -3.81
N THR A 22 5.84 -3.52 -4.53
CA THR A 22 6.79 -4.61 -4.74
C THR A 22 7.65 -4.89 -3.52
N GLN A 23 7.92 -3.89 -2.71
CA GLN A 23 8.86 -4.02 -1.60
C GLN A 23 8.16 -4.09 -0.25
N ASN A 24 6.99 -3.49 -0.12
CA ASN A 24 6.30 -3.39 1.16
C ASN A 24 5.01 -4.20 1.17
N HIS A 25 4.85 -5.12 0.21
CA HIS A 25 3.71 -6.04 0.23
CA HIS A 25 3.72 -6.05 0.16
C HIS A 25 2.39 -5.31 0.09
N GLY A 26 2.38 -4.19 -0.60
CA GLY A 26 1.20 -3.40 -0.79
C GLY A 26 0.36 -3.82 -1.98
N THR A 27 -0.87 -3.28 -2.04
CA THR A 27 -1.81 -3.51 -3.13
C THR A 27 -2.19 -2.17 -3.71
N GLU A 28 -2.01 -2.00 -5.02
CA GLU A 28 -2.45 -0.77 -5.68
C GLU A 28 -3.96 -0.70 -5.66
N PRO A 29 -4.53 0.50 -5.67
CA PRO A 29 -5.99 0.64 -5.54
C PRO A 29 -6.69 -0.07 -6.69
N PRO A 30 -7.79 -0.76 -6.42
CA PRO A 30 -8.48 -1.53 -7.43
C PRO A 30 -8.94 -0.64 -8.60
N PHE A 31 -8.82 -1.19 -9.78
CA PHE A 31 -9.25 -0.58 -11.03
C PHE A 31 -8.48 0.64 -11.41
N THR A 32 -7.25 0.83 -10.87
CA THR A 32 -6.46 2.01 -11.21
C THR A 32 -5.19 1.69 -11.95
N GLY A 33 -4.87 0.41 -12.10
CA GLY A 33 -3.58 0.08 -12.68
C GLY A 33 -3.47 0.52 -14.13
N ARG A 34 -2.29 1.03 -14.47
CA ARG A 34 -2.04 1.49 -15.84
C ARG A 34 -2.26 0.39 -16.87
N LEU A 35 -1.81 -0.85 -16.57
CA LEU A 35 -1.92 -1.94 -17.51
C LEU A 35 -3.19 -2.77 -17.37
N LEU A 36 -4.16 -2.34 -16.54
CA LEU A 36 -5.38 -3.10 -16.33
C LEU A 36 -6.02 -3.55 -17.66
N HIS A 37 -6.19 -2.63 -18.61
CA HIS A 37 -6.92 -2.91 -19.84
C HIS A 37 -6.02 -2.91 -21.04
N ASN A 38 -4.71 -3.19 -20.86
CA ASN A 38 -3.82 -3.33 -21.98
C ASN A 38 -4.16 -4.60 -22.75
N LYS A 39 -4.25 -4.48 -24.08
CA LYS A 39 -4.52 -5.63 -24.94
C LYS A 39 -3.41 -5.89 -25.96
N ARG A 40 -2.32 -5.13 -25.91
CA ARG A 40 -1.28 -5.26 -26.92
C ARG A 40 -0.48 -6.54 -26.69
N ASP A 41 0.02 -7.08 -27.79
CA ASP A 41 0.90 -8.26 -27.69
C ASP A 41 2.24 -7.89 -27.08
N GLY A 42 2.72 -8.73 -26.16
CA GLY A 42 3.98 -8.48 -25.53
C GLY A 42 4.10 -9.29 -24.23
N VAL A 43 5.13 -8.97 -23.51
CA VAL A 43 5.50 -9.73 -22.29
C VAL A 43 5.48 -8.81 -21.12
N TYR A 44 4.91 -9.30 -19.99
CA TYR A 44 4.90 -8.61 -18.73
C TYR A 44 6.05 -9.17 -17.89
N HIS A 45 7.06 -8.32 -17.66
CA HIS A 45 8.25 -8.64 -16.90
C HIS A 45 8.16 -8.11 -15.48
N CYS A 46 8.98 -8.69 -14.60
CA CYS A 46 9.11 -8.12 -13.26
C CYS A 46 9.69 -6.72 -13.35
N LEU A 47 9.01 -5.76 -12.77
CA LEU A 47 9.53 -4.39 -12.76
C LEU A 47 10.92 -4.31 -12.17
N ILE A 48 11.20 -5.12 -11.16
CA ILE A 48 12.45 -4.97 -10.42
C ILE A 48 13.62 -5.60 -11.15
N CYS A 49 13.48 -6.86 -11.58
CA CYS A 49 14.62 -7.61 -12.13
C CYS A 49 14.50 -7.93 -13.62
N ASP A 50 13.33 -7.67 -14.23
CA ASP A 50 13.08 -7.84 -15.68
C ASP A 50 12.92 -9.29 -16.08
N ALA A 51 12.81 -10.20 -15.12
CA ALA A 51 12.49 -11.56 -15.47
C ALA A 51 11.13 -11.61 -16.16
N PRO A 52 10.95 -12.40 -17.20
CA PRO A 52 9.60 -12.56 -17.76
C PRO A 52 8.68 -13.29 -16.78
N LEU A 53 7.45 -12.82 -16.68
CA LEU A 53 6.48 -13.39 -15.76
C LEU A 53 5.24 -13.89 -16.46
N PHE A 54 4.59 -13.07 -17.35
CA PHE A 54 3.36 -13.43 -18.00
C PHE A 54 3.35 -12.91 -19.42
N HIS A 55 2.85 -13.73 -20.33
CA HIS A 55 2.66 -13.29 -21.72
C HIS A 55 1.24 -12.71 -21.90
N SER A 56 1.11 -11.74 -22.78
CA SER A 56 -0.19 -11.14 -23.07
C SER A 56 -1.29 -12.14 -23.46
N GLN A 57 -0.93 -13.23 -24.12
N GLN A 57 -0.95 -13.23 -24.12
CA GLN A 57 -1.93 -14.22 -24.53
CA GLN A 57 -2.00 -14.16 -24.53
C GLN A 57 -2.64 -14.86 -23.35
C GLN A 57 -2.65 -14.87 -23.35
N THR A 58 -2.04 -14.83 -22.15
CA THR A 58 -2.69 -15.40 -20.97
C THR A 58 -3.47 -14.38 -20.17
N LYS A 59 -3.44 -13.11 -20.55
CA LYS A 59 -4.18 -12.05 -19.87
C LYS A 59 -5.65 -12.06 -20.28
N TYR A 60 -6.52 -11.78 -19.31
CA TYR A 60 -7.94 -11.73 -19.59
C TYR A 60 -8.58 -10.76 -18.60
N ASP A 61 -9.81 -10.30 -18.95
CA ASP A 61 -10.51 -9.30 -18.14
C ASP A 61 -11.38 -10.00 -17.08
N SER A 62 -10.82 -10.14 -15.86
CA SER A 62 -11.56 -10.84 -14.82
C SER A 62 -12.59 -9.96 -14.16
N GLY A 63 -12.45 -8.65 -14.29
CA GLY A 63 -13.32 -7.76 -13.51
C GLY A 63 -12.98 -7.70 -12.05
N CYS A 64 -11.85 -8.26 -11.61
CA CYS A 64 -11.57 -8.29 -10.17
C CYS A 64 -10.91 -7.00 -9.63
N GLY A 65 -10.31 -6.17 -10.51
CA GLY A 65 -9.72 -4.95 -10.05
C GLY A 65 -8.30 -4.74 -10.58
N TRP A 66 -7.66 -5.85 -10.96
CA TRP A 66 -6.22 -5.83 -11.28
C TRP A 66 -5.95 -6.67 -12.51
N PRO A 67 -4.81 -6.44 -13.18
CA PRO A 67 -4.43 -7.31 -14.28
C PRO A 67 -4.46 -8.79 -13.86
N SER A 68 -5.03 -9.61 -14.73
CA SER A 68 -5.26 -11.01 -14.44
C SER A 68 -4.75 -11.86 -15.57
N PHE A 69 -4.15 -12.99 -15.21
CA PHE A 69 -3.55 -13.93 -16.17
C PHE A 69 -3.88 -15.34 -15.68
N TYR A 70 -3.96 -16.27 -16.60
CA TYR A 70 -4.30 -17.64 -16.21
C TYR A 70 -3.07 -18.52 -16.04
N GLU A 71 -1.88 -18.08 -16.43
CA GLU A 71 -0.68 -18.86 -16.18
C GLU A 71 0.55 -17.98 -16.36
N PRO A 72 1.64 -18.29 -15.66
CA PRO A 72 2.95 -17.63 -15.93
C PRO A 72 3.74 -18.34 -17.01
N VAL A 73 4.84 -17.68 -17.43
CA VAL A 73 5.60 -18.20 -18.55
C VAL A 73 6.28 -19.51 -18.22
N SER A 74 6.54 -19.77 -16.94
CA SER A 74 7.16 -21.04 -16.57
C SER A 74 6.83 -21.32 -15.12
N GLU A 75 7.02 -22.59 -14.74
CA GLU A 75 6.74 -22.99 -13.35
C GLU A 75 7.61 -22.25 -12.35
N GLU A 76 8.89 -22.07 -12.67
CA GLU A 76 9.81 -21.45 -11.75
C GLU A 76 9.72 -19.92 -11.72
N SER A 77 8.89 -19.33 -12.56
CA SER A 77 8.83 -17.88 -12.61
C SER A 77 8.25 -17.29 -11.34
N ILE A 78 7.37 -18.04 -10.64
CA ILE A 78 6.59 -17.54 -9.56
C ILE A 78 6.95 -18.31 -8.29
N ARG A 79 6.96 -17.60 -7.18
CA ARG A 79 7.07 -18.16 -5.83
C ARG A 79 5.74 -18.00 -5.11
N TYR A 80 5.29 -19.05 -4.42
CA TYR A 80 3.98 -19.08 -3.78
C TYR A 80 4.15 -19.11 -2.26
N ILE A 81 3.44 -18.24 -1.58
CA ILE A 81 3.56 -18.09 -0.11
C ILE A 81 2.15 -17.98 0.47
N LYS A 82 1.93 -18.62 1.62
CA LYS A 82 0.69 -18.43 2.35
C LYS A 82 0.60 -17.02 2.93
N ASP A 83 -0.53 -16.35 2.70
CA ASP A 83 -0.69 -14.95 3.07
C ASP A 83 -1.98 -14.79 3.88
N LEU A 84 -1.84 -14.36 5.13
CA LEU A 84 -2.97 -14.15 6.01
C LEU A 84 -3.29 -12.67 6.19
N SER A 85 -2.76 -11.80 5.35
CA SER A 85 -2.97 -10.37 5.49
C SER A 85 -4.42 -10.01 5.13
N HIS A 86 -4.86 -8.86 5.67
CA HIS A 86 -6.14 -8.30 5.34
C HIS A 86 -7.30 -9.16 5.81
N GLY A 87 -7.09 -9.86 6.93
CA GLY A 87 -8.09 -10.76 7.43
C GLY A 87 -8.57 -11.82 6.46
N MET A 88 -7.71 -12.21 5.53
CA MET A 88 -8.05 -13.23 4.56
C MET A 88 -6.97 -14.30 4.56
N GLN A 89 -7.28 -15.42 3.96
CA GLN A 89 -6.32 -16.49 3.71
C GLN A 89 -6.18 -16.68 2.22
N ARG A 90 -4.99 -16.36 1.70
CA ARG A 90 -4.75 -16.38 0.24
C ARG A 90 -3.39 -16.96 -0.02
N ILE A 91 -3.07 -17.15 -1.31
CA ILE A 91 -1.74 -17.55 -1.71
C ILE A 91 -1.12 -16.33 -2.41
N GLU A 92 -0.08 -15.79 -1.82
CA GLU A 92 0.67 -14.67 -2.38
C GLU A 92 1.60 -15.18 -3.47
N ILE A 93 1.73 -14.41 -4.54
CA ILE A 93 2.68 -14.71 -5.60
C ILE A 93 3.76 -13.65 -5.59
N ARG A 94 5.02 -14.11 -5.68
CA ARG A 94 6.16 -13.23 -5.78
C ARG A 94 7.00 -13.64 -6.97
N CYS A 95 7.81 -12.72 -7.44
CA CYS A 95 8.74 -12.99 -8.51
C CYS A 95 9.70 -14.07 -8.03
N GLY A 96 9.79 -15.16 -8.81
CA GLY A 96 10.69 -16.26 -8.41
C GLY A 96 12.16 -15.88 -8.41
N ASN A 97 12.53 -14.81 -9.08
CA ASN A 97 13.94 -14.46 -9.23
C ASN A 97 14.40 -13.45 -8.18
N CYS A 98 13.58 -12.46 -7.83
CA CYS A 98 14.01 -11.41 -6.92
C CYS A 98 13.09 -11.24 -5.72
N ASP A 99 11.97 -11.95 -5.68
CA ASP A 99 11.05 -11.99 -4.54
C ASP A 99 10.18 -10.74 -4.46
N ALA A 100 10.10 -9.93 -5.47
CA ALA A 100 9.21 -8.78 -5.50
C ALA A 100 7.78 -9.28 -5.31
N HIS A 101 6.98 -8.54 -4.52
CA HIS A 101 5.60 -8.89 -4.37
C HIS A 101 4.81 -8.56 -5.63
N LEU A 102 3.99 -9.52 -6.07
CA LEU A 102 3.22 -9.39 -7.33
C LEU A 102 1.75 -9.31 -7.10
N GLY A 103 1.20 -10.09 -6.18
CA GLY A 103 -0.20 -10.21 -6.03
C GLY A 103 -0.57 -11.53 -5.40
N HIS A 104 -1.65 -12.14 -5.86
CA HIS A 104 -2.12 -13.43 -5.35
C HIS A 104 -2.63 -14.31 -6.49
N VAL A 105 -2.76 -15.61 -6.22
CA VAL A 105 -3.31 -16.53 -7.20
C VAL A 105 -4.54 -17.17 -6.59
N PHE A 106 -5.57 -17.33 -7.41
CA PHE A 106 -6.89 -17.79 -6.98
C PHE A 106 -7.35 -18.93 -7.86
N PRO A 107 -8.23 -19.81 -7.33
CA PRO A 107 -8.66 -20.97 -8.09
C PRO A 107 -9.92 -20.76 -8.93
N ASP A 108 -10.20 -19.53 -9.33
CA ASP A 108 -11.43 -19.19 -10.03
C ASP A 108 -11.15 -18.69 -11.45
N GLY A 109 -10.02 -19.11 -12.01
CA GLY A 109 -9.66 -18.70 -13.35
C GLY A 109 -10.21 -19.59 -14.42
N PRO A 110 -9.93 -19.24 -15.67
CA PRO A 110 -10.47 -20.01 -16.81
C PRO A 110 -9.62 -21.25 -17.07
N GLN A 111 -10.13 -22.09 -17.99
CA GLN A 111 -9.36 -23.24 -18.43
CA GLN A 111 -9.36 -23.24 -18.43
C GLN A 111 -8.13 -22.77 -19.20
N PRO A 112 -7.06 -23.60 -19.25
CA PRO A 112 -6.97 -24.96 -18.69
C PRO A 112 -6.51 -25.02 -17.24
N THR A 113 -5.92 -23.92 -16.75
CA THR A 113 -5.35 -23.96 -15.40
C THR A 113 -6.41 -23.85 -14.31
N GLY A 114 -7.51 -23.16 -14.60
CA GLY A 114 -8.44 -22.79 -13.55
C GLY A 114 -7.87 -21.83 -12.54
N GLU A 115 -6.76 -21.16 -12.86
CA GLU A 115 -6.07 -20.28 -11.93
C GLU A 115 -6.21 -18.83 -12.38
N ARG A 116 -6.47 -17.94 -11.45
CA ARG A 116 -6.41 -16.50 -11.72
C ARG A 116 -5.19 -15.92 -11.00
N TYR A 117 -4.19 -15.45 -11.79
CA TYR A 117 -3.09 -14.73 -11.22
C TYR A 117 -3.36 -13.22 -11.18
N CAF A 118 -3.89 -12.61 -10.05
CA CAF A 118 -4.18 -11.35 -9.73
CB CAF A 118 -4.92 -11.28 -8.40
C CAF A 118 -2.89 -10.58 -9.56
O CAF A 118 -2.22 -10.77 -8.51
SG CAF A 118 -5.80 -9.69 -8.34
AS CAF A 118 -4.54 -9.03 -6.26
CE1 CAF A 118 -3.17 -7.69 -6.71
CE2 CAF A 118 -5.77 -8.30 -4.97
O1 CAF A 118 -3.85 -10.44 -5.63
H CAF A 118 -4.67 -12.93 -9.88
HA CAF A 118 -4.64 -10.85 -10.42
HB2 CAF A 118 -5.59 -11.98 -8.32
HB3 CAF A 118 -4.31 -11.32 -7.64
HE11 CAF A 118 -2.73 -7.29 -5.93
HE12 CAF A 118 -3.50 -6.92 -7.20
HE13 CAF A 118 -2.43 -8.02 -7.24
HE21 CAF A 118 -6.13 -7.43 -5.23
HE22 CAF A 118 -6.55 -8.86 -4.82
HE23 CAF A 118 -5.38 -8.16 -4.10
N VAL A 119 -2.55 -9.56 -10.39
CA VAL A 119 -1.19 -8.95 -10.35
C VAL A 119 -1.31 -7.43 -10.42
N ASN A 120 -0.62 -6.78 -9.51
CA ASN A 120 -0.54 -5.30 -9.51
C ASN A 120 0.13 -4.84 -10.79
N SER A 121 -0.52 -3.92 -11.49
CA SER A 121 0.16 -3.25 -12.60
C SER A 121 1.49 -2.68 -12.12
N ALA A 122 1.55 -2.11 -10.91
CA ALA A 122 2.76 -1.49 -10.40
C ALA A 122 3.94 -2.46 -10.23
N SER A 123 3.72 -3.78 -10.31
CA SER A 123 4.77 -4.77 -10.16
C SER A 123 5.36 -5.14 -11.51
N LEU A 124 4.83 -4.62 -12.59
CA LEU A 124 5.17 -5.12 -13.94
C LEU A 124 5.75 -4.06 -14.81
N ARG A 125 6.58 -4.53 -15.77
CA ARG A 125 7.05 -3.74 -16.89
C ARG A 125 6.55 -4.47 -18.11
N PHE A 126 5.84 -3.78 -18.98
CA PHE A 126 5.33 -4.39 -20.22
C PHE A 126 6.25 -4.04 -21.37
N THR A 127 6.68 -5.07 -22.08
CA THR A 127 7.55 -4.91 -23.23
C THR A 127 6.73 -5.26 -24.47
N ASP A 128 6.55 -4.26 -25.34
CA ASP A 128 5.62 -4.38 -26.44
C ASP A 128 6.22 -5.27 -27.54
N GLY A 129 5.41 -6.20 -28.03
CA GLY A 129 5.85 -7.14 -29.05
C GLY A 129 6.07 -6.50 -30.42
N GLU A 130 5.58 -5.30 -30.66
CA GLU A 130 5.79 -4.71 -31.98
C GLU A 130 7.19 -4.16 -32.15
N ASN A 131 7.80 -3.65 -31.13
CA ASN A 131 9.04 -2.90 -31.26
C ASN A 131 9.96 -2.99 -30.04
N GLY A 132 9.60 -3.73 -28.99
CA GLY A 132 10.41 -3.83 -27.80
C GLY A 132 10.32 -2.64 -26.86
N GLU A 133 9.41 -1.70 -27.11
CA GLU A 133 9.25 -0.56 -26.23
C GLU A 133 8.75 -1.02 -24.85
N GLU A 134 9.32 -0.41 -23.81
CA GLU A 134 9.05 -0.82 -22.43
C GLU A 134 8.28 0.29 -21.70
N ILE A 135 7.27 -0.11 -20.93
CA ILE A 135 6.55 0.85 -20.09
C ILE A 135 6.38 0.22 -18.72
N ASN A 136 6.62 1.01 -17.69
CA ASN A 136 6.37 0.56 -16.31
C ASN A 136 4.90 0.64 -15.98
N GLY A 137 4.42 -0.35 -15.24
CA GLY A 137 3.00 -0.40 -14.88
C GLY A 137 2.61 0.50 -13.74
N LYS B 4 -10.69 1.64 21.79
CA LYS B 4 -11.57 1.34 22.90
C LYS B 4 -12.50 0.16 22.58
N PRO B 5 -13.25 0.25 21.47
CA PRO B 5 -14.23 -0.80 21.17
C PRO B 5 -13.58 -2.17 21.01
N SER B 6 -14.44 -3.18 21.01
CA SER B 6 -14.04 -4.57 20.90
C SER B 6 -13.70 -4.94 19.45
N ALA B 7 -13.27 -6.17 19.26
CA ALA B 7 -12.99 -6.67 17.91
C ALA B 7 -14.27 -6.77 17.09
N GLU B 8 -15.39 -7.10 17.72
CA GLU B 8 -16.65 -7.19 17.00
C GLU B 8 -17.12 -5.83 16.55
N GLU B 9 -17.07 -4.84 17.45
CA GLU B 9 -17.49 -3.49 17.08
C GLU B 9 -16.64 -2.92 15.96
N LEU B 10 -15.31 -3.13 16.03
CA LEU B 10 -14.44 -2.53 15.01
C LEU B 10 -14.62 -3.23 13.66
N LYS B 11 -14.80 -4.54 13.67
CA LYS B 11 -15.07 -5.24 12.41
C LYS B 11 -16.37 -4.76 11.76
N LYS B 12 -17.33 -4.31 12.55
CA LYS B 12 -18.62 -3.88 12.03
C LYS B 12 -18.61 -2.43 11.57
N ASN B 13 -17.82 -1.56 12.18
CA ASN B 13 -17.85 -0.13 11.91
C ASN B 13 -16.72 0.33 10.99
N LEU B 14 -15.58 -0.33 11.03
CA LEU B 14 -14.43 0.12 10.23
C LEU B 14 -14.50 -0.46 8.83
N SER B 15 -14.03 0.31 7.87
CA SER B 15 -13.74 -0.24 6.56
C SER B 15 -12.56 -1.21 6.67
N GLU B 16 -12.41 -2.04 5.65
CA GLU B 16 -11.28 -2.99 5.63
C GLU B 16 -9.94 -2.22 5.66
N MET B 17 -9.87 -1.11 4.96
CA MET B 17 -8.66 -0.31 4.99
C MET B 17 -8.40 0.27 6.38
N GLN B 18 -9.43 0.83 7.02
CA GLN B 18 -9.27 1.36 8.37
C GLN B 18 -8.87 0.28 9.37
N PHE B 19 -9.48 -0.91 9.25
CA PHE B 19 -9.13 -2.03 10.12
C PHE B 19 -7.72 -2.52 9.85
N TYR B 20 -7.38 -2.70 8.57
CA TYR B 20 -6.06 -3.18 8.22
C TYR B 20 -4.99 -2.22 8.74
N VAL B 21 -5.17 -0.92 8.51
CA VAL B 21 -4.19 0.06 8.95
C VAL B 21 -4.07 0.11 10.47
N THR B 22 -5.17 0.30 11.15
CA THR B 22 -5.11 0.61 12.57
C THR B 22 -4.97 -0.65 13.43
N GLN B 23 -5.40 -1.82 12.92
CA GLN B 23 -5.40 -3.02 13.75
C GLN B 23 -4.38 -4.06 13.31
N ASN B 24 -3.93 -4.01 12.05
CA ASN B 24 -2.94 -4.96 11.54
C ASN B 24 -1.64 -4.24 11.12
N HIS B 25 -1.42 -3.02 11.62
CA HIS B 25 -0.17 -2.30 11.36
C HIS B 25 0.04 -2.10 9.86
N GLY B 26 -1.05 -1.89 9.13
CA GLY B 26 -0.97 -1.73 7.69
C GLY B 26 -0.79 -0.30 7.23
N THR B 27 -0.61 -0.14 5.93
CA THR B 27 -0.31 1.15 5.30
C THR B 27 -1.23 1.31 4.08
N GLU B 28 -1.88 2.47 3.96
CA GLU B 28 -2.73 2.75 2.81
C GLU B 28 -1.85 3.14 1.61
N PRO B 29 -2.33 2.94 0.39
CA PRO B 29 -1.49 3.25 -0.80
C PRO B 29 -1.12 4.72 -0.81
N PRO B 30 0.10 5.04 -1.24
CA PRO B 30 0.53 6.45 -1.23
C PRO B 30 -0.31 7.30 -2.15
N PHE B 31 -0.57 8.53 -1.71
CA PHE B 31 -1.33 9.54 -2.42
C PHE B 31 -2.81 9.24 -2.57
N THR B 32 -3.37 8.33 -1.75
CA THR B 32 -4.79 7.99 -1.84
C THR B 32 -5.59 8.40 -0.61
N GLY B 33 -4.95 8.82 0.46
CA GLY B 33 -5.67 9.08 1.71
C GLY B 33 -6.63 10.25 1.58
N ARG B 34 -7.85 10.07 2.09
CA ARG B 34 -8.89 11.08 1.93
C ARG B 34 -8.48 12.41 2.55
N LEU B 35 -7.73 12.38 3.66
CA LEU B 35 -7.34 13.59 4.37
C LEU B 35 -5.98 14.12 3.93
N LEU B 36 -5.38 13.51 2.89
CA LEU B 36 -4.05 13.90 2.46
C LEU B 36 -3.93 15.39 2.19
N HIS B 37 -4.90 15.95 1.48
CA HIS B 37 -4.85 17.36 1.09
C HIS B 37 -5.79 18.24 1.87
N ASN B 38 -6.37 17.75 2.97
CA ASN B 38 -7.23 18.59 3.79
C ASN B 38 -6.42 19.74 4.36
N LYS B 39 -7.00 20.94 4.29
CA LYS B 39 -6.35 22.15 4.78
C LYS B 39 -7.19 22.88 5.82
N ARG B 40 -8.40 22.42 6.11
CA ARG B 40 -9.25 23.08 7.10
C ARG B 40 -8.57 23.12 8.47
N ASP B 41 -8.83 24.22 9.20
CA ASP B 41 -8.40 24.29 10.59
C ASP B 41 -9.23 23.30 11.42
N GLY B 42 -8.55 22.54 12.28
CA GLY B 42 -9.24 21.63 13.15
C GLY B 42 -8.27 20.67 13.82
N VAL B 43 -8.82 19.60 14.35
CA VAL B 43 -8.03 18.61 15.07
C VAL B 43 -8.19 17.25 14.36
N TYR B 44 -7.11 16.48 14.29
CA TYR B 44 -7.13 15.13 13.81
C TYR B 44 -7.11 14.21 15.02
N HIS B 45 -8.20 13.47 15.21
CA HIS B 45 -8.34 12.53 16.33
C HIS B 45 -8.01 11.11 15.88
N CYS B 46 -7.75 10.25 16.84
CA CYS B 46 -7.71 8.83 16.56
C CYS B 46 -9.06 8.33 16.10
N LEU B 47 -9.08 7.70 14.95
CA LEU B 47 -10.32 7.12 14.43
C LEU B 47 -10.96 6.16 15.42
N ILE B 48 -10.12 5.41 16.17
CA ILE B 48 -10.65 4.34 17.01
C ILE B 48 -11.21 4.89 18.33
N CYS B 49 -10.39 5.60 19.09
CA CYS B 49 -10.79 6.07 20.43
C CYS B 49 -11.07 7.57 20.51
N ASP B 50 -10.84 8.30 19.44
CA ASP B 50 -11.14 9.75 19.35
C ASP B 50 -10.19 10.62 20.17
N ALA B 51 -9.04 10.09 20.61
CA ALA B 51 -8.08 10.90 21.29
C ALA B 51 -7.52 11.93 20.31
N PRO B 52 -7.31 13.16 20.76
CA PRO B 52 -6.69 14.17 19.84
C PRO B 52 -5.24 13.81 19.62
N LEU B 53 -4.82 13.80 18.35
CA LEU B 53 -3.45 13.42 18.00
C LEU B 53 -2.65 14.55 17.39
N PHE B 54 -3.19 15.24 16.36
CA PHE B 54 -2.46 16.30 15.68
C PHE B 54 -3.40 17.46 15.39
N HIS B 55 -2.88 18.66 15.54
CA HIS B 55 -3.60 19.88 15.20
C HIS B 55 -3.25 20.30 13.78
N SER B 56 -4.25 20.82 13.06
CA SER B 56 -4.02 21.26 11.68
C SER B 56 -2.88 22.26 11.57
N GLN B 57 -2.55 22.96 12.64
CA GLN B 57 -1.47 23.94 12.60
C GLN B 57 -0.13 23.29 12.27
N THR B 58 0.01 21.99 12.57
CA THR B 58 1.26 21.30 12.35
C THR B 58 1.27 20.45 11.10
N LYS B 59 0.20 20.48 10.33
CA LYS B 59 0.12 19.67 9.09
C LYS B 59 0.84 20.41 7.97
N TYR B 60 1.57 19.65 7.15
CA TYR B 60 2.26 20.25 6.01
C TYR B 60 2.36 19.21 4.90
N ASP B 61 2.58 19.68 3.68
CA ASP B 61 2.65 18.81 2.50
C ASP B 61 4.10 18.34 2.33
N SER B 62 4.37 17.07 2.71
CA SER B 62 5.71 16.51 2.64
C SER B 62 6.01 15.91 1.28
N GLY B 63 5.00 15.72 0.45
CA GLY B 63 5.20 15.07 -0.84
C GLY B 63 5.51 13.58 -0.74
N CYS B 64 5.46 13.01 0.45
CA CYS B 64 5.83 11.60 0.63
C CYS B 64 4.70 10.65 0.26
N GLY B 65 3.43 11.12 0.30
CA GLY B 65 2.30 10.31 -0.09
C GLY B 65 1.28 10.09 1.01
N TRP B 66 1.54 10.55 2.21
CA TRP B 66 0.60 10.43 3.32
C TRP B 66 0.51 11.71 4.09
N PRO B 67 -0.61 11.93 4.80
CA PRO B 67 -0.68 13.07 5.72
C PRO B 67 0.56 13.16 6.58
N SER B 68 1.05 14.39 6.75
CA SER B 68 2.32 14.64 7.43
C SER B 68 2.17 15.78 8.40
N PHE B 69 2.74 15.59 9.60
CA PHE B 69 2.73 16.58 10.68
C PHE B 69 4.11 16.64 11.31
N TYR B 70 4.45 17.76 11.90
CA TYR B 70 5.77 17.90 12.52
C TYR B 70 5.73 17.76 14.03
N GLU B 71 4.54 17.62 14.61
CA GLU B 71 4.49 17.33 16.07
C GLU B 71 3.06 16.97 16.45
N PRO B 72 2.88 16.10 17.45
CA PRO B 72 1.53 15.82 17.96
C PRO B 72 1.10 16.87 18.97
N VAL B 73 -0.15 16.73 19.45
CA VAL B 73 -0.72 17.75 20.31
C VAL B 73 -0.04 17.76 21.68
N SER B 74 0.53 16.62 22.10
CA SER B 74 1.21 16.54 23.38
C SER B 74 2.26 15.44 23.31
N GLU B 75 3.24 15.52 24.21
CA GLU B 75 4.33 14.57 24.21
C GLU B 75 3.84 13.13 24.42
N GLU B 76 2.79 12.95 25.22
CA GLU B 76 2.29 11.63 25.55
C GLU B 76 1.18 11.13 24.62
N SER B 77 0.87 11.83 23.53
CA SER B 77 -0.19 11.45 22.65
C SER B 77 0.20 10.25 21.77
N ILE B 78 1.48 10.00 21.60
CA ILE B 78 1.99 9.03 20.63
C ILE B 78 2.88 8.05 21.40
N ARG B 79 2.77 6.80 21.04
CA ARG B 79 3.73 5.75 21.46
C ARG B 79 4.66 5.49 20.30
N TYR B 80 5.97 5.33 20.62
CA TYR B 80 6.98 5.06 19.59
C TYR B 80 7.53 3.66 19.79
N ILE B 81 7.65 2.90 18.70
CA ILE B 81 8.13 1.53 18.76
C ILE B 81 9.06 1.27 17.58
N LYS B 82 10.22 0.65 17.84
CA LYS B 82 11.05 0.21 16.73
C LYS B 82 10.26 -0.72 15.83
N ASP B 83 10.43 -0.56 14.51
CA ASP B 83 9.70 -1.34 13.52
C ASP B 83 10.67 -1.86 12.49
N LEU B 84 10.77 -3.18 12.38
CA LEU B 84 11.68 -3.85 11.46
C LEU B 84 10.97 -4.50 10.27
N SER B 85 9.71 -4.20 10.05
CA SER B 85 8.97 -4.83 8.96
C SER B 85 9.51 -4.39 7.62
N HIS B 86 9.39 -5.29 6.62
CA HIS B 86 9.76 -5.01 5.25
C HIS B 86 11.25 -4.72 5.12
N GLY B 87 12.05 -5.27 6.04
CA GLY B 87 13.49 -5.10 5.96
C GLY B 87 13.96 -3.66 6.04
N MET B 88 13.22 -2.81 6.73
CA MET B 88 13.62 -1.43 6.93
C MET B 88 13.83 -1.19 8.44
N GLN B 89 14.45 -0.04 8.75
CA GLN B 89 14.66 0.42 10.12
C GLN B 89 13.84 1.68 10.28
N ARG B 90 12.70 1.57 10.97
CA ARG B 90 11.82 2.71 11.13
C ARG B 90 11.33 2.76 12.58
N ILE B 91 10.65 3.87 12.90
CA ILE B 91 10.02 4.04 14.21
C ILE B 91 8.53 4.14 13.95
N GLU B 92 7.79 3.13 14.39
CA GLU B 92 6.33 3.16 14.28
C GLU B 92 5.75 4.13 15.33
N ILE B 93 4.64 4.78 14.96
CA ILE B 93 3.93 5.63 15.86
C ILE B 93 2.53 5.05 15.99
N ARG B 94 2.07 4.92 17.23
CA ARG B 94 0.74 4.41 17.52
C ARG B 94 0.06 5.43 18.43
N CYS B 95 -1.28 5.39 18.43
CA CYS B 95 -2.05 6.19 19.32
C CYS B 95 -1.68 5.88 20.78
N GLY B 96 -1.32 6.90 21.51
CA GLY B 96 -0.88 6.72 22.90
C GLY B 96 -1.99 6.30 23.85
N ASN B 97 -3.25 6.41 23.41
CA ASN B 97 -4.37 6.03 24.26
C ASN B 97 -4.93 4.63 24.00
N CYS B 98 -5.01 4.17 22.73
CA CYS B 98 -5.60 2.90 22.43
C CYS B 98 -4.68 1.98 21.63
N ASP B 99 -3.51 2.44 21.24
CA ASP B 99 -2.47 1.67 20.58
C ASP B 99 -2.79 1.38 19.10
N ALA B 100 -3.78 2.05 18.52
CA ALA B 100 -3.98 1.95 17.07
C ALA B 100 -2.72 2.35 16.32
N HIS B 101 -2.44 1.64 15.21
CA HIS B 101 -1.32 2.00 14.37
C HIS B 101 -1.68 3.25 13.59
N LEU B 102 -0.73 4.20 13.54
CA LEU B 102 -0.90 5.46 12.84
C LEU B 102 -0.01 5.54 11.63
N GLY B 103 1.24 5.13 11.78
CA GLY B 103 2.25 5.32 10.75
C GLY B 103 3.64 5.26 11.32
N HIS B 104 4.57 6.09 10.78
CA HIS B 104 5.94 6.14 11.25
C HIS B 104 6.37 7.59 11.42
N VAL B 105 7.44 7.80 12.20
CA VAL B 105 8.04 9.12 12.35
C VAL B 105 9.45 9.09 11.78
N PHE B 106 9.78 10.12 11.02
CA PHE B 106 11.10 10.22 10.37
C PHE B 106 11.81 11.51 10.76
N PRO B 107 13.15 11.51 10.80
CA PRO B 107 13.88 12.73 11.19
C PRO B 107 14.19 13.66 10.04
N ASP B 108 13.39 13.61 8.98
CA ASP B 108 13.60 14.46 7.80
C ASP B 108 12.52 15.56 7.69
N GLY B 109 11.99 15.99 8.83
CA GLY B 109 10.90 16.93 8.83
C GLY B 109 11.36 18.37 8.93
N PRO B 110 10.42 19.29 8.96
CA PRO B 110 10.75 20.72 9.02
C PRO B 110 10.90 21.23 10.45
N GLN B 111 11.46 22.44 10.56
CA GLN B 111 11.42 23.16 11.83
C GLN B 111 9.97 23.44 12.22
N PRO B 112 9.68 23.63 13.52
CA PRO B 112 10.62 23.72 14.65
C PRO B 112 11.14 22.40 15.20
N THR B 113 10.65 21.27 14.70
CA THR B 113 10.94 19.97 15.31
C THR B 113 11.92 19.12 14.52
N GLY B 114 12.02 19.30 13.18
CA GLY B 114 12.80 18.38 12.39
C GLY B 114 12.22 16.99 12.22
N GLU B 115 10.97 16.76 12.69
CA GLU B 115 10.34 15.47 12.67
C GLU B 115 9.20 15.43 11.64
N ARG B 116 9.10 14.36 10.92
CA ARG B 116 8.00 14.11 9.98
C ARG B 116 7.14 12.98 10.53
N TYR B 117 5.96 13.32 11.05
CA TYR B 117 5.02 12.29 11.46
C TYR B 117 4.17 11.84 10.22
N CAF B 118 4.47 10.71 9.48
CA CAF B 118 3.88 10.13 8.50
CB CAF B 118 4.86 9.12 7.82
C CAF B 118 2.67 9.31 8.90
O CAF B 118 2.87 8.28 9.59
SG CAF B 118 4.27 8.73 6.18
AS CAF B 118 3.93 6.36 6.67
CE1 CAF B 118 2.01 6.01 6.82
CE2 CAF B 118 4.61 5.47 5.07
O1 CAF B 118 4.82 6.00 8.06
H CAF B 118 5.23 10.82 9.09
HA CAF B 118 3.44 10.75 7.91
HB2 CAF B 118 5.75 9.49 7.72
HB3 CAF B 118 4.91 8.28 8.32
HE11 CAF B 118 1.50 6.34 6.07
HE12 CAF B 118 1.79 5.07 6.88
HE13 CAF B 118 1.59 6.41 7.59
HE21 CAF B 118 4.58 4.50 5.12
HE22 CAF B 118 5.53 5.67 4.87
HE23 CAF B 118 4.11 5.70 4.26
N VAL B 119 1.46 9.86 8.73
CA VAL B 119 0.21 9.22 9.26
C VAL B 119 -0.79 8.81 8.16
N ASN B 120 -1.25 7.57 8.23
CA ASN B 120 -2.27 7.08 7.31
C ASN B 120 -3.53 7.88 7.54
N SER B 121 -4.10 8.38 6.45
CA SER B 121 -5.45 8.98 6.58
C SER B 121 -6.41 8.04 7.25
N ALA B 122 -6.31 6.74 6.95
CA ALA B 122 -7.26 5.75 7.47
C ALA B 122 -7.23 5.61 8.98
N SER B 123 -6.23 6.16 9.65
CA SER B 123 -6.12 6.10 11.11
C SER B 123 -6.70 7.33 11.81
N LEU B 124 -7.19 8.31 11.05
CA LEU B 124 -7.60 9.59 11.61
C LEU B 124 -9.07 9.91 11.34
N ARG B 125 -9.65 10.66 12.29
CA ARG B 125 -10.92 11.35 12.07
C ARG B 125 -10.63 12.82 12.27
N PHE B 126 -10.86 13.63 11.23
CA PHE B 126 -10.69 15.08 11.33
C PHE B 126 -11.98 15.75 11.81
N THR B 127 -11.84 16.64 12.78
CA THR B 127 -12.96 17.40 13.32
C THR B 127 -12.75 18.86 12.99
N ASP B 128 -13.72 19.46 12.26
CA ASP B 128 -13.58 20.82 11.81
C ASP B 128 -13.76 21.78 12.98
N GLY B 129 -12.79 22.68 13.16
CA GLY B 129 -12.81 23.59 14.28
C GLY B 129 -13.88 24.65 14.21
N GLU B 130 -14.40 24.93 13.02
CA GLU B 130 -15.39 25.98 12.85
C GLU B 130 -16.82 25.49 12.96
N ASN B 131 -17.11 24.27 12.53
CA ASN B 131 -18.47 23.77 12.53
C ASN B 131 -18.61 22.35 13.10
N GLY B 132 -17.54 21.75 13.62
CA GLY B 132 -17.62 20.45 14.24
C GLY B 132 -17.87 19.31 13.28
N GLU B 133 -17.93 19.56 11.98
CA GLU B 133 -18.12 18.47 11.02
C GLU B 133 -16.92 17.52 11.08
N GLU B 134 -17.21 16.22 10.99
CA GLU B 134 -16.19 15.19 11.11
C GLU B 134 -16.00 14.46 9.78
N ILE B 135 -14.75 14.17 9.46
CA ILE B 135 -14.39 13.45 8.25
C ILE B 135 -13.63 12.20 8.68
N ASN B 136 -14.16 11.02 8.33
CA ASN B 136 -13.45 9.76 8.56
C ASN B 136 -12.41 9.61 7.46
N GLY B 137 -11.15 9.48 7.86
CA GLY B 137 -10.03 9.43 6.95
C GLY B 137 -9.95 8.12 6.18
ZN ZN C . 11.91 -9.92 -10.13
ZN ZN D . -6.69 5.78 19.82
#